data_2G9L
#
_entry.id   2G9L
#
_entity_poly.entity_id   1
_entity_poly.type   'polypeptide(L)'
_entity_poly.pdbx_seq_one_letter_code
;GILDTLKQFAKGVGKDLVKGAAQGVLSTVSCKLAKTC
;
_entity_poly.pdbx_strand_id   A
#
# COMPACT_ATOMS: atom_id res chain seq x y z
N GLY A 1 1.79 -20.10 -13.41
CA GLY A 1 2.09 -19.55 -14.75
C GLY A 1 2.32 -18.03 -14.71
N ILE A 2 2.47 -17.43 -15.90
CA ILE A 2 2.67 -16.01 -16.05
C ILE A 2 1.52 -15.22 -15.42
N LEU A 3 0.30 -15.75 -15.50
CA LEU A 3 -0.88 -15.12 -14.95
C LEU A 3 -0.92 -15.17 -13.43
N ASP A 4 -0.14 -16.06 -12.82
CA ASP A 4 0.02 -16.14 -11.39
C ASP A 4 1.18 -15.24 -10.99
N THR A 5 2.12 -15.04 -11.91
CA THR A 5 3.36 -14.35 -11.64
C THR A 5 3.09 -12.87 -11.36
N LEU A 6 2.46 -12.19 -12.33
CA LEU A 6 2.10 -10.80 -12.20
C LEU A 6 1.16 -10.59 -11.03
N LYS A 7 0.26 -11.55 -10.79
CA LYS A 7 -0.68 -11.51 -9.68
C LYS A 7 0.06 -11.51 -8.35
N GLN A 8 1.10 -12.33 -8.23
CA GLN A 8 1.90 -12.45 -7.02
C GLN A 8 2.45 -11.09 -6.61
N PHE A 9 3.20 -10.45 -7.51
CA PHE A 9 3.79 -9.15 -7.27
C PHE A 9 2.72 -8.08 -7.11
N ALA A 10 1.65 -8.15 -7.90
CA ALA A 10 0.53 -7.24 -7.78
C ALA A 10 -0.09 -7.35 -6.39
N LYS A 11 -0.26 -8.60 -5.91
CA LYS A 11 -0.67 -8.86 -4.54
C LYS A 11 0.55 -8.77 -3.62
N GLY A 12 1.34 -7.69 -3.79
CA GLY A 12 2.51 -7.39 -2.99
C GLY A 12 2.94 -5.95 -3.23
N VAL A 13 2.77 -5.47 -4.45
CA VAL A 13 2.63 -4.04 -4.69
C VAL A 13 1.15 -3.71 -4.54
N GLY A 14 0.58 -4.23 -3.46
CA GLY A 14 -0.79 -4.05 -3.02
C GLY A 14 -0.81 -4.26 -1.51
N LYS A 15 0.09 -5.11 -1.02
CA LYS A 15 0.35 -5.29 0.40
C LYS A 15 1.14 -4.10 0.91
N ASP A 16 2.09 -3.63 0.09
CA ASP A 16 2.88 -2.44 0.35
C ASP A 16 1.99 -1.20 0.39
N LEU A 17 0.83 -1.27 -0.26
CA LEU A 17 -0.13 -0.18 -0.35
C LEU A 17 -1.08 -0.32 0.82
N VAL A 18 -1.49 -1.56 1.10
CA VAL A 18 -2.25 -1.87 2.30
C VAL A 18 -1.36 -1.57 3.51
N LYS A 19 -0.05 -1.75 3.36
CA LYS A 19 0.92 -1.42 4.39
C LYS A 19 1.05 0.10 4.52
N GLY A 20 0.95 0.79 3.37
CA GLY A 20 1.01 2.24 3.29
C GLY A 20 -0.27 2.85 3.84
N ALA A 21 -1.41 2.22 3.52
CA ALA A 21 -2.67 2.57 4.14
C ALA A 21 -2.61 2.25 5.64
N ALA A 22 -1.95 1.14 5.98
CA ALA A 22 -1.84 0.69 7.36
C ALA A 22 -0.59 1.28 8.03
N GLN A 23 -0.24 2.53 7.72
CA GLN A 23 0.97 3.17 8.19
C GLN A 23 0.73 3.90 9.51
N GLY A 24 -0.23 4.82 9.51
CA GLY A 24 -0.49 5.72 10.62
C GLY A 24 -1.32 5.04 11.68
N VAL A 25 -2.62 4.81 11.42
CA VAL A 25 -3.33 5.13 10.20
C VAL A 25 -3.85 6.57 10.25
N LEU A 26 -4.59 6.91 11.32
CA LEU A 26 -5.24 8.19 11.48
C LEU A 26 -4.24 9.34 11.39
N SER A 27 -3.00 9.13 11.86
CA SER A 27 -1.95 10.12 11.81
C SER A 27 -1.52 10.40 10.37
N THR A 28 -1.44 9.34 9.55
CA THR A 28 -1.05 9.45 8.15
C THR A 28 -2.22 9.95 7.32
N VAL A 29 -3.38 9.31 7.45
CA VAL A 29 -4.58 9.66 6.69
C VAL A 29 -5.03 11.07 7.05
N SER A 30 -5.11 11.37 8.34
CA SER A 30 -5.47 12.71 8.81
C SER A 30 -4.36 13.69 8.45
N CYS A 31 -3.11 13.31 8.70
CA CYS A 31 -1.93 14.06 8.31
C CYS A 31 -1.87 14.25 6.79
N LYS A 32 -2.64 13.47 6.03
CA LYS A 32 -2.54 13.43 4.58
C LYS A 32 -3.26 14.62 3.96
N LEU A 33 -2.87 15.82 4.36
CA LEU A 33 -3.32 17.06 3.74
C LEU A 33 -2.74 17.11 2.33
N ALA A 34 -1.41 17.03 2.23
CA ALA A 34 -0.69 16.87 0.98
C ALA A 34 0.40 15.82 1.17
N LYS A 35 0.04 14.72 1.86
CA LYS A 35 0.94 13.65 2.24
C LYS A 35 2.21 14.20 2.89
N THR A 36 2.03 14.89 4.01
CA THR A 36 3.13 15.35 4.84
C THR A 36 3.51 14.29 5.87
N CYS A 37 2.94 13.07 5.73
CA CYS A 37 3.34 11.89 6.48
C CYS A 37 3.47 10.71 5.53
N GLY A 1 -0.73 -16.92 -15.91
CA GLY A 1 0.46 -17.28 -15.14
C GLY A 1 1.35 -16.07 -14.88
N ILE A 2 1.98 -15.55 -15.95
CA ILE A 2 2.83 -14.37 -15.89
C ILE A 2 2.05 -13.17 -15.35
N LEU A 3 0.75 -13.12 -15.62
CA LEU A 3 -0.11 -12.04 -15.17
C LEU A 3 -0.42 -12.14 -13.68
N ASP A 4 -0.27 -13.33 -13.09
CA ASP A 4 -0.43 -13.55 -11.67
C ASP A 4 0.93 -13.34 -11.00
N THR A 5 2.01 -13.51 -11.78
CA THR A 5 3.35 -13.43 -11.25
C THR A 5 3.66 -11.99 -10.87
N LEU A 6 3.52 -11.06 -11.84
CA LEU A 6 3.65 -9.65 -11.60
C LEU A 6 2.58 -9.16 -10.62
N LYS A 7 1.40 -9.77 -10.68
CA LYS A 7 0.28 -9.47 -9.81
C LYS A 7 0.66 -9.66 -8.34
N GLN A 8 1.31 -10.79 -8.04
CA GLN A 8 1.76 -11.16 -6.70
C GLN A 8 2.53 -10.02 -6.06
N PHE A 9 3.56 -9.53 -6.75
CA PHE A 9 4.40 -8.45 -6.27
C PHE A 9 3.61 -7.14 -6.17
N ALA A 10 2.79 -6.85 -7.18
CA ALA A 10 1.95 -5.65 -7.21
C ALA A 10 0.95 -5.67 -6.05
N LYS A 11 0.39 -6.85 -5.74
CA LYS A 11 -0.47 -7.03 -4.59
C LYS A 11 0.34 -6.93 -3.30
N GLY A 12 1.62 -7.28 -3.35
CA GLY A 12 2.54 -7.08 -2.24
C GLY A 12 2.92 -5.62 -2.11
N VAL A 13 2.91 -4.88 -3.22
CA VAL A 13 2.87 -3.43 -3.18
C VAL A 13 1.42 -3.00 -3.09
N GLY A 14 0.67 -3.73 -2.24
CA GLY A 14 -0.68 -3.45 -1.84
C GLY A 14 -0.81 -3.82 -0.37
N LYS A 15 -0.05 -4.84 0.06
CA LYS A 15 0.09 -5.21 1.46
C LYS A 15 1.03 -4.23 2.14
N ASP A 16 2.07 -3.79 1.42
CA ASP A 16 2.98 -2.76 1.89
C ASP A 16 2.25 -1.42 2.00
N LEU A 17 1.16 -1.26 1.24
CA LEU A 17 0.35 -0.05 1.23
C LEU A 17 -0.74 -0.18 2.28
N VAL A 18 -1.40 -1.34 2.32
CA VAL A 18 -2.37 -1.60 3.37
C VAL A 18 -1.63 -1.69 4.71
N LYS A 19 -0.36 -2.09 4.67
CA LYS A 19 0.50 -2.12 5.83
C LYS A 19 0.93 -0.71 6.21
N GLY A 20 1.20 0.13 5.20
CA GLY A 20 1.67 1.48 5.37
C GLY A 20 0.55 2.36 5.91
N ALA A 21 -0.63 2.23 5.30
CA ALA A 21 -1.84 2.87 5.81
C ALA A 21 -2.12 2.38 7.23
N ALA A 22 -1.79 1.12 7.51
CA ALA A 22 -1.99 0.52 8.83
C ALA A 22 -0.85 0.83 9.79
N GLN A 23 0.32 1.26 9.27
CA GLN A 23 1.50 1.49 10.08
C GLN A 23 1.39 2.80 10.85
N GLY A 24 0.87 3.85 10.20
CA GLY A 24 0.69 5.17 10.78
C GLY A 24 -0.73 5.60 10.51
N VAL A 25 -1.69 4.97 11.19
CA VAL A 25 -3.09 5.06 10.86
C VAL A 25 -3.58 6.51 10.93
N LEU A 26 -3.31 7.16 12.07
CA LEU A 26 -3.74 8.52 12.33
C LEU A 26 -3.02 9.52 11.42
N SER A 27 -1.72 9.31 11.19
CA SER A 27 -0.92 10.22 10.39
C SER A 27 -1.36 10.20 8.92
N THR A 28 -1.63 9.01 8.37
CA THR A 28 -2.04 8.83 6.98
C THR A 28 -3.26 9.68 6.65
N VAL A 29 -4.11 9.95 7.64
CA VAL A 29 -5.27 10.81 7.46
C VAL A 29 -4.82 12.21 7.09
N SER A 30 -3.76 12.71 7.74
CA SER A 30 -3.21 14.03 7.45
C SER A 30 -2.40 13.99 6.16
N CYS A 31 -1.33 13.18 6.14
CA CYS A 31 -0.49 13.04 4.96
C CYS A 31 -1.14 12.13 3.91
N LYS A 32 -2.48 12.12 3.85
CA LYS A 32 -3.20 11.37 2.83
C LYS A 32 -3.45 12.21 1.58
N LEU A 33 -3.48 13.54 1.74
CA LEU A 33 -3.79 14.48 0.65
C LEU A 33 -2.75 14.47 -0.47
N ALA A 34 -1.74 13.60 -0.38
CA ALA A 34 -0.74 13.41 -1.41
C ALA A 34 -0.31 11.94 -1.50
N LYS A 35 -0.93 11.08 -0.69
CA LYS A 35 -0.64 9.65 -0.63
C LYS A 35 0.85 9.37 -0.53
N THR A 36 1.60 10.25 0.14
CA THR A 36 2.96 9.97 0.57
C THR A 36 2.93 8.90 1.66
N CYS A 37 1.81 8.86 2.40
CA CYS A 37 1.59 7.92 3.48
C CYS A 37 0.60 6.84 3.00
N GLY A 1 1.35 -21.75 -17.82
CA GLY A 1 0.29 -20.85 -17.36
C GLY A 1 0.73 -20.03 -16.15
N ILE A 2 1.70 -19.13 -16.36
CA ILE A 2 2.22 -18.25 -15.33
C ILE A 2 1.35 -17.00 -15.17
N LEU A 3 0.03 -17.20 -15.30
CA LEU A 3 -0.94 -16.11 -15.32
C LEU A 3 -1.32 -15.69 -13.91
N ASP A 4 -1.35 -16.65 -12.98
CA ASP A 4 -1.60 -16.37 -11.57
C ASP A 4 -0.25 -16.12 -10.89
N THR A 5 0.82 -16.55 -11.54
CA THR A 5 2.16 -16.48 -10.97
C THR A 5 2.61 -15.03 -10.88
N LEU A 6 2.57 -14.31 -12.01
CA LEU A 6 2.90 -12.90 -12.05
C LEU A 6 1.98 -12.10 -11.13
N LYS A 7 0.71 -12.51 -11.03
CA LYS A 7 -0.27 -11.88 -10.17
C LYS A 7 0.12 -12.01 -8.70
N GLN A 8 0.59 -13.19 -8.31
CA GLN A 8 0.99 -13.48 -6.93
C GLN A 8 2.07 -12.50 -6.48
N PHE A 9 3.18 -12.42 -7.22
CA PHE A 9 4.28 -11.52 -6.91
C PHE A 9 3.89 -10.06 -7.11
N ALA A 10 3.00 -9.78 -8.07
CA ALA A 10 2.49 -8.43 -8.26
C ALA A 10 1.65 -8.02 -7.06
N LYS A 11 0.79 -8.94 -6.59
CA LYS A 11 0.09 -8.78 -5.32
C LYS A 11 1.02 -9.25 -4.20
N GLY A 12 2.23 -8.66 -4.16
CA GLY A 12 3.32 -9.08 -3.31
C GLY A 12 4.44 -8.06 -3.24
N VAL A 13 4.93 -7.64 -4.41
CA VAL A 13 5.48 -6.30 -4.56
C VAL A 13 4.33 -5.29 -4.43
N GLY A 14 3.12 -5.82 -4.21
CA GLY A 14 1.89 -5.07 -4.04
C GLY A 14 1.48 -5.15 -2.57
N LYS A 15 2.04 -6.13 -1.84
CA LYS A 15 1.96 -6.22 -0.39
C LYS A 15 3.13 -5.47 0.24
N ASP A 16 4.19 -5.25 -0.54
CA ASP A 16 5.27 -4.34 -0.18
C ASP A 16 4.79 -2.90 -0.33
N LEU A 17 3.88 -2.67 -1.29
CA LEU A 17 3.28 -1.38 -1.54
C LEU A 17 2.02 -1.25 -0.70
N VAL A 18 1.21 -2.31 -0.64
CA VAL A 18 0.06 -2.23 0.26
C VAL A 18 0.57 -2.24 1.70
N LYS A 19 1.75 -2.84 1.93
CA LYS A 19 2.43 -2.79 3.21
C LYS A 19 2.91 -1.37 3.48
N GLY A 20 3.42 -0.71 2.44
CA GLY A 20 3.91 0.65 2.50
C GLY A 20 2.75 1.62 2.66
N ALA A 21 1.65 1.37 1.94
CA ALA A 21 0.41 2.10 2.15
C ALA A 21 -0.13 1.83 3.54
N ALA A 22 0.12 0.62 4.07
CA ALA A 22 -0.31 0.23 5.39
C ALA A 22 0.75 0.58 6.43
N GLN A 23 1.43 1.72 6.26
CA GLN A 23 2.43 2.21 7.20
C GLN A 23 1.76 3.09 8.24
N GLY A 24 1.13 4.19 7.80
CA GLY A 24 0.44 5.10 8.68
C GLY A 24 -0.35 6.10 7.84
N VAL A 25 -1.23 5.57 6.98
CA VAL A 25 -1.99 6.37 6.04
C VAL A 25 -3.25 6.91 6.69
N LEU A 26 -3.94 6.05 7.45
CA LEU A 26 -5.17 6.37 8.15
C LEU A 26 -4.97 7.58 9.07
N SER A 27 -3.81 7.65 9.73
CA SER A 27 -3.47 8.76 10.60
C SER A 27 -3.24 10.03 9.79
N THR A 28 -2.50 9.93 8.68
CA THR A 28 -2.17 11.06 7.83
C THR A 28 -3.44 11.78 7.38
N VAL A 29 -4.46 11.02 6.98
CA VAL A 29 -5.74 11.58 6.53
C VAL A 29 -6.28 12.59 7.55
N SER A 30 -6.13 12.30 8.84
CA SER A 30 -6.57 13.19 9.90
C SER A 30 -5.66 14.41 9.98
N CYS A 31 -4.38 14.18 10.26
CA CYS A 31 -3.39 15.25 10.34
C CYS A 31 -2.95 15.72 8.95
N LYS A 32 -3.84 15.62 7.96
CA LYS A 32 -3.60 16.03 6.59
C LYS A 32 -4.03 17.49 6.42
N LEU A 33 -5.27 17.79 6.80
CA LEU A 33 -5.85 19.13 6.76
C LEU A 33 -4.91 20.15 7.41
N ALA A 34 -4.58 19.96 8.69
CA ALA A 34 -3.62 20.79 9.39
C ALA A 34 -2.20 20.56 8.88
N LYS A 35 -2.01 19.42 8.22
CA LYS A 35 -0.82 19.02 7.51
C LYS A 35 0.42 19.03 8.41
N THR A 36 0.33 18.29 9.52
CA THR A 36 1.52 17.92 10.29
C THR A 36 1.94 16.50 9.91
N CYS A 37 1.41 15.99 8.79
CA CYS A 37 1.70 14.65 8.30
C CYS A 37 1.80 14.66 6.78
N GLY A 1 1.28 -18.27 -15.20
CA GLY A 1 0.41 -17.14 -14.84
C GLY A 1 1.22 -15.87 -14.58
N ILE A 2 1.87 -15.34 -15.61
CA ILE A 2 2.67 -14.13 -15.53
C ILE A 2 1.78 -12.95 -15.08
N LEU A 3 0.51 -12.96 -15.51
CA LEU A 3 -0.45 -11.93 -15.14
C LEU A 3 -0.84 -12.02 -13.68
N ASP A 4 -0.67 -13.20 -13.05
CA ASP A 4 -0.93 -13.40 -11.65
C ASP A 4 0.36 -13.13 -10.87
N THR A 5 1.51 -13.21 -11.56
CA THR A 5 2.79 -13.05 -10.92
C THR A 5 2.98 -11.58 -10.54
N LEU A 6 2.83 -10.69 -11.52
CA LEU A 6 2.88 -9.26 -11.30
C LEU A 6 1.75 -8.82 -10.37
N LYS A 7 0.60 -9.50 -10.45
CA LYS A 7 -0.55 -9.25 -9.59
C LYS A 7 -0.18 -9.52 -8.13
N GLN A 8 0.49 -10.65 -7.88
CA GLN A 8 0.96 -11.03 -6.56
C GLN A 8 1.94 -9.98 -6.04
N PHE A 9 2.94 -9.64 -6.86
CA PHE A 9 3.93 -8.64 -6.51
C PHE A 9 3.26 -7.29 -6.25
N ALA A 10 2.39 -6.86 -7.16
CA ALA A 10 1.63 -5.63 -7.02
C ALA A 10 0.76 -5.68 -5.76
N LYS A 11 0.14 -6.84 -5.51
CA LYS A 11 -0.63 -7.08 -4.30
C LYS A 11 0.29 -7.10 -3.08
N GLY A 12 1.52 -7.59 -3.24
CA GLY A 12 2.50 -7.62 -2.17
C GLY A 12 3.12 -6.24 -1.95
N VAL A 13 3.22 -5.43 -3.00
CA VAL A 13 3.41 -3.99 -2.83
C VAL A 13 2.02 -3.36 -2.74
N GLY A 14 1.16 -4.04 -1.99
CA GLY A 14 -0.20 -3.64 -1.67
C GLY A 14 -0.51 -4.06 -0.23
N LYS A 15 0.14 -5.14 0.21
CA LYS A 15 0.14 -5.55 1.61
C LYS A 15 1.25 -4.82 2.34
N ASP A 16 2.41 -4.69 1.69
CA ASP A 16 3.53 -3.90 2.19
C ASP A 16 3.16 -2.42 2.24
N LEU A 17 2.10 -2.03 1.52
CA LEU A 17 1.57 -0.69 1.48
C LEU A 17 0.57 -0.56 2.62
N VAL A 18 -0.27 -1.58 2.79
CA VAL A 18 -1.14 -1.67 3.94
C VAL A 18 -0.28 -1.80 5.20
N LYS A 19 0.86 -2.48 5.08
CA LYS A 19 1.83 -2.60 6.16
C LYS A 19 2.49 -1.25 6.43
N GLY A 20 2.66 -0.45 5.36
CA GLY A 20 3.20 0.89 5.45
C GLY A 20 2.17 1.82 6.09
N ALA A 21 0.92 1.74 5.62
CA ALA A 21 -0.18 2.48 6.20
C ALA A 21 -0.47 2.01 7.62
N ALA A 22 -0.21 0.73 7.91
CA ALA A 22 -0.47 0.16 9.22
C ALA A 22 0.32 0.89 10.31
N GLN A 23 1.48 1.45 9.96
CA GLN A 23 2.31 2.22 10.86
C GLN A 23 1.53 3.38 11.48
N GLY A 24 0.65 4.01 10.69
CA GLY A 24 -0.14 5.14 11.15
C GLY A 24 -1.26 5.40 10.15
N VAL A 25 -2.34 4.61 10.25
CA VAL A 25 -3.44 4.67 9.31
C VAL A 25 -4.07 6.05 9.32
N LEU A 26 -4.36 6.57 10.51
CA LEU A 26 -4.90 7.90 10.72
C LEU A 26 -3.95 8.95 10.13
N SER A 27 -2.64 8.74 10.29
CA SER A 27 -1.63 9.62 9.75
C SER A 27 -1.61 9.55 8.22
N THR A 28 -1.79 8.35 7.65
CA THR A 28 -1.80 8.16 6.22
C THR A 28 -3.01 8.86 5.59
N VAL A 29 -4.16 8.84 6.27
CA VAL A 29 -5.36 9.55 5.85
C VAL A 29 -5.08 11.06 5.83
N SER A 30 -4.20 11.55 6.70
CA SER A 30 -3.81 12.95 6.73
C SER A 30 -2.74 13.20 5.67
N CYS A 31 -1.65 12.43 5.77
CA CYS A 31 -0.55 12.43 4.81
C CYS A 31 -1.03 12.11 3.39
N LYS A 32 -2.28 11.63 3.26
CA LYS A 32 -2.85 11.18 2.00
C LYS A 32 -3.21 12.39 1.14
N LEU A 33 -3.80 13.41 1.78
CA LEU A 33 -4.18 14.67 1.14
C LEU A 33 -3.05 15.18 0.25
N ALA A 34 -1.85 15.35 0.82
CA ALA A 34 -0.66 15.74 0.07
C ALA A 34 -0.04 14.54 -0.65
N LYS A 35 -0.25 13.37 -0.06
CA LYS A 35 0.16 12.08 -0.55
C LYS A 35 1.68 11.96 -0.60
N THR A 36 2.27 11.70 0.56
CA THR A 36 3.64 11.20 0.64
C THR A 36 3.69 9.96 1.55
N CYS A 37 2.52 9.35 1.82
CA CYS A 37 2.43 8.10 2.54
C CYS A 37 1.54 7.14 1.76
N GLY A 1 1.80 -19.18 -12.03
CA GLY A 1 2.14 -18.45 -13.26
C GLY A 1 1.52 -19.10 -14.49
N ILE A 2 1.64 -18.48 -15.67
CA ILE A 2 2.31 -17.20 -15.89
C ILE A 2 1.39 -16.04 -15.52
N LEU A 3 0.06 -16.27 -15.60
CA LEU A 3 -0.94 -15.26 -15.37
C LEU A 3 -0.95 -14.79 -13.91
N ASP A 4 -0.54 -15.65 -12.98
CA ASP A 4 -0.55 -15.37 -11.56
C ASP A 4 0.77 -14.75 -11.14
N THR A 5 1.77 -14.79 -12.02
CA THR A 5 3.11 -14.35 -11.68
C THR A 5 3.10 -12.87 -11.32
N LEU A 6 2.54 -12.04 -12.20
CA LEU A 6 2.42 -10.61 -11.99
C LEU A 6 1.50 -10.32 -10.80
N LYS A 7 0.44 -11.12 -10.65
CA LYS A 7 -0.52 -10.98 -9.56
C LYS A 7 0.18 -11.15 -8.21
N GLN A 8 1.13 -12.09 -8.13
CA GLN A 8 1.88 -12.37 -6.92
C GLN A 8 2.60 -11.11 -6.44
N PHE A 9 3.41 -10.51 -7.32
CA PHE A 9 4.17 -9.31 -7.01
C PHE A 9 3.24 -8.11 -6.83
N ALA A 10 2.15 -8.05 -7.60
CA ALA A 10 1.15 -7.01 -7.43
C ALA A 10 0.54 -7.12 -6.03
N LYS A 11 0.26 -8.36 -5.60
CA LYS A 11 -0.14 -8.64 -4.22
C LYS A 11 1.12 -8.76 -3.36
N GLY A 12 1.97 -7.73 -3.42
CA GLY A 12 3.27 -7.70 -2.79
C GLY A 12 3.94 -6.33 -2.83
N VAL A 13 3.89 -5.73 -4.03
CA VAL A 13 3.72 -4.30 -4.13
C VAL A 13 2.23 -4.01 -3.92
N GLY A 14 1.57 -4.89 -3.15
CA GLY A 14 0.24 -4.70 -2.61
C GLY A 14 0.31 -4.92 -1.10
N LYS A 15 1.27 -5.73 -0.64
CA LYS A 15 1.55 -5.94 0.76
C LYS A 15 2.41 -4.80 1.30
N ASP A 16 3.24 -4.20 0.45
CA ASP A 16 3.99 -3.02 0.78
C ASP A 16 3.04 -1.81 0.87
N LEU A 17 1.93 -1.87 0.12
CA LEU A 17 0.92 -0.84 0.10
C LEU A 17 -0.11 -1.14 1.17
N VAL A 18 -0.50 -2.42 1.28
CA VAL A 18 -1.35 -2.81 2.38
C VAL A 18 -0.58 -2.65 3.69
N LYS A 19 0.75 -2.79 3.62
CA LYS A 19 1.62 -2.55 4.75
C LYS A 19 1.70 -1.05 5.04
N GLY A 20 1.70 -0.24 3.97
CA GLY A 20 1.73 1.20 4.04
C GLY A 20 0.40 1.73 4.56
N ALA A 21 -0.70 1.15 4.07
CA ALA A 21 -2.03 1.42 4.61
C ALA A 21 -2.10 0.95 6.06
N ALA A 22 -1.41 -0.15 6.38
CA ALA A 22 -1.39 -0.71 7.71
C ALA A 22 -0.23 -0.14 8.53
N GLN A 23 0.19 1.10 8.24
CA GLN A 23 1.26 1.78 8.96
C GLN A 23 0.68 2.53 10.15
N GLY A 24 -0.21 3.48 9.87
CA GLY A 24 -0.82 4.31 10.89
C GLY A 24 -1.89 5.19 10.23
N VAL A 25 -3.07 4.61 10.01
CA VAL A 25 -4.17 5.27 9.31
C VAL A 25 -4.51 6.59 9.99
N LEU A 26 -4.73 6.53 11.31
CA LEU A 26 -5.04 7.69 12.14
C LEU A 26 -3.96 8.77 11.99
N SER A 27 -2.71 8.35 11.76
CA SER A 27 -1.60 9.26 11.53
C SER A 27 -1.58 9.75 10.09
N THR A 28 -1.74 8.82 9.13
CA THR A 28 -1.67 9.11 7.72
C THR A 28 -2.79 10.06 7.31
N VAL A 29 -4.04 9.66 7.58
CA VAL A 29 -5.23 10.41 7.20
C VAL A 29 -5.14 11.88 7.61
N SER A 30 -4.50 12.14 8.75
CA SER A 30 -4.35 13.49 9.28
C SER A 30 -3.40 14.31 8.43
N CYS A 31 -2.15 13.88 8.31
CA CYS A 31 -1.15 14.57 7.50
C CYS A 31 -1.50 14.51 6.01
N LYS A 32 -2.63 13.89 5.63
CA LYS A 32 -3.06 13.88 4.24
C LYS A 32 -3.94 15.10 3.97
N LEU A 33 -3.41 16.27 4.33
CA LEU A 33 -4.04 17.55 4.04
C LEU A 33 -3.80 17.86 2.56
N ALA A 34 -2.52 17.97 2.20
CA ALA A 34 -2.07 18.00 0.82
C ALA A 34 -0.92 17.00 0.69
N LYS A 35 -1.11 15.82 1.29
CA LYS A 35 -0.10 14.80 1.45
C LYS A 35 1.19 15.38 2.02
N THR A 36 1.08 15.93 3.24
CA THR A 36 2.23 16.39 4.00
C THR A 36 3.13 15.20 4.28
N CYS A 37 2.53 14.05 4.62
CA CYS A 37 3.25 12.79 4.71
C CYS A 37 3.62 12.34 3.29
N GLY A 1 0.02 -17.12 -14.82
CA GLY A 1 0.72 -16.44 -15.92
C GLY A 1 1.44 -15.18 -15.47
N ILE A 2 1.98 -14.42 -16.43
CA ILE A 2 2.66 -13.17 -16.19
C ILE A 2 1.72 -12.17 -15.50
N LEU A 3 0.43 -12.23 -15.86
CA LEU A 3 -0.59 -11.37 -15.28
C LEU A 3 -0.88 -11.73 -13.83
N ASP A 4 -0.61 -12.97 -13.43
CA ASP A 4 -0.76 -13.42 -12.06
C ASP A 4 0.55 -13.18 -11.33
N THR A 5 1.65 -13.05 -12.09
CA THR A 5 2.94 -12.79 -11.51
C THR A 5 2.98 -11.35 -11.01
N LEU A 6 2.48 -10.42 -11.84
CA LEU A 6 2.30 -9.03 -11.46
C LEU A 6 1.29 -8.93 -10.32
N LYS A 7 0.22 -9.73 -10.38
CA LYS A 7 -0.81 -9.78 -9.36
C LYS A 7 -0.20 -10.15 -8.01
N GLN A 8 0.63 -11.19 -7.99
CA GLN A 8 1.31 -11.66 -6.79
C GLN A 8 2.21 -10.55 -6.24
N PHE A 9 2.99 -9.94 -7.13
CA PHE A 9 3.87 -8.83 -6.79
C PHE A 9 3.05 -7.63 -6.29
N ALA A 10 1.94 -7.34 -6.96
CA ALA A 10 1.03 -6.28 -6.56
C ALA A 10 0.41 -6.62 -5.21
N LYS A 11 0.01 -7.89 -5.01
CA LYS A 11 -0.42 -8.39 -3.72
C LYS A 11 0.80 -8.75 -2.88
N GLY A 12 1.80 -7.86 -2.90
CA GLY A 12 3.02 -7.99 -2.12
C GLY A 12 3.64 -6.61 -1.94
N VAL A 13 3.54 -5.77 -2.97
CA VAL A 13 3.55 -4.33 -2.78
C VAL A 13 2.09 -3.90 -2.59
N GLY A 14 1.36 -4.70 -1.81
CA GLY A 14 -0.04 -4.50 -1.46
C GLY A 14 -0.19 -4.66 0.04
N LYS A 15 0.63 -5.53 0.64
CA LYS A 15 0.70 -5.69 2.08
C LYS A 15 1.76 -4.75 2.67
N ASP A 16 2.74 -4.37 1.86
CA ASP A 16 3.65 -3.28 2.18
C ASP A 16 2.89 -1.96 2.11
N LEU A 17 1.83 -1.92 1.30
CA LEU A 17 1.04 -0.74 1.03
C LEU A 17 -0.09 -0.69 2.04
N VAL A 18 -0.83 -1.79 2.18
CA VAL A 18 -1.84 -1.91 3.20
C VAL A 18 -1.16 -1.88 4.57
N LYS A 19 0.08 -2.38 4.64
CA LYS A 19 0.89 -2.29 5.84
C LYS A 19 1.24 -0.84 6.14
N GLY A 20 1.53 -0.08 5.08
CA GLY A 20 1.90 1.32 5.16
C GLY A 20 0.69 2.15 5.54
N ALA A 21 -0.45 1.85 4.92
CA ALA A 21 -1.73 2.44 5.32
C ALA A 21 -2.07 2.02 6.74
N ALA A 22 -1.70 0.80 7.12
CA ALA A 22 -1.97 0.27 8.45
C ALA A 22 -0.95 0.74 9.48
N GLN A 23 0.22 1.22 9.04
CA GLN A 23 1.29 1.66 9.92
C GLN A 23 0.81 2.79 10.84
N GLY A 24 0.06 3.74 10.28
CA GLY A 24 -0.47 4.87 11.03
C GLY A 24 -1.68 5.41 10.29
N VAL A 25 -2.83 4.74 10.46
CA VAL A 25 -4.04 5.05 9.75
C VAL A 25 -4.45 6.50 10.03
N LEU A 26 -4.51 6.84 11.32
CA LEU A 26 -4.86 8.17 11.78
C LEU A 26 -3.88 9.21 11.20
N SER A 27 -2.59 8.88 11.19
CA SER A 27 -1.57 9.72 10.59
C SER A 27 -1.78 9.80 9.08
N THR A 28 -2.01 8.66 8.42
CA THR A 28 -2.26 8.64 7.00
C THR A 28 -3.73 8.93 6.70
N VAL A 29 -4.33 9.83 7.49
CA VAL A 29 -5.39 10.70 7.02
C VAL A 29 -4.77 11.99 6.49
N SER A 30 -3.80 12.51 7.24
CA SER A 30 -3.07 13.71 6.88
C SER A 30 -2.09 13.42 5.77
N CYS A 31 -1.16 12.48 5.99
CA CYS A 31 -0.19 12.11 4.97
C CYS A 31 -0.81 11.18 3.93
N LYS A 32 -2.07 11.41 3.54
CA LYS A 32 -2.63 10.78 2.34
C LYS A 32 -2.23 11.51 1.07
N LEU A 33 -2.69 12.77 0.95
CA LEU A 33 -2.77 13.60 -0.24
C LEU A 33 -1.69 13.28 -1.27
N ALA A 34 -1.86 12.11 -1.91
CA ALA A 34 -1.01 11.59 -2.96
C ALA A 34 0.37 11.25 -2.40
N LYS A 35 0.37 10.37 -1.39
CA LYS A 35 1.51 10.03 -0.56
C LYS A 35 1.47 8.56 -0.20
N THR A 36 0.36 8.16 0.43
CA THR A 36 0.28 6.98 1.29
C THR A 36 1.31 7.10 2.42
N CYS A 37 1.82 8.32 2.63
CA CYS A 37 2.77 8.65 3.68
C CYS A 37 4.19 8.26 3.27
N GLY A 1 1.28 -18.78 -13.24
CA GLY A 1 1.92 -17.81 -14.15
C GLY A 1 1.51 -18.04 -15.60
N ILE A 2 1.91 -17.15 -16.52
CA ILE A 2 2.70 -15.96 -16.25
C ILE A 2 1.80 -14.81 -15.79
N LEU A 3 0.53 -14.82 -16.21
CA LEU A 3 -0.41 -13.76 -15.93
C LEU A 3 -0.77 -13.68 -14.44
N ASP A 4 -0.56 -14.77 -13.68
CA ASP A 4 -0.85 -14.81 -12.26
C ASP A 4 0.39 -14.40 -11.48
N THR A 5 1.56 -14.44 -12.12
CA THR A 5 2.82 -14.19 -11.44
C THR A 5 2.87 -12.76 -10.92
N LEU A 6 2.51 -11.80 -11.78
CA LEU A 6 2.43 -10.40 -11.42
C LEU A 6 1.38 -10.19 -10.32
N LYS A 7 0.25 -10.89 -10.44
CA LYS A 7 -0.85 -10.79 -9.49
C LYS A 7 -0.41 -11.25 -8.11
N GLN A 8 0.31 -12.37 -8.06
CA GLN A 8 0.87 -12.94 -6.85
C GLN A 8 1.76 -11.93 -6.14
N PHE A 9 2.62 -11.26 -6.92
CA PHE A 9 3.52 -10.24 -6.41
C PHE A 9 2.79 -8.93 -6.14
N ALA A 10 1.72 -8.65 -6.89
CA ALA A 10 0.94 -7.43 -6.70
C ALA A 10 0.28 -7.43 -5.32
N LYS A 11 -0.22 -8.58 -4.87
CA LYS A 11 -0.74 -8.76 -3.52
C LYS A 11 0.42 -9.05 -2.56
N GLY A 12 1.51 -8.30 -2.70
CA GLY A 12 2.75 -8.49 -1.98
C GLY A 12 3.65 -7.27 -2.01
N VAL A 13 3.84 -6.72 -3.22
CA VAL A 13 4.05 -5.31 -3.42
C VAL A 13 2.74 -4.59 -3.07
N GLY A 14 1.74 -5.35 -2.60
CA GLY A 14 0.45 -4.86 -2.14
C GLY A 14 0.34 -5.10 -0.64
N LYS A 15 1.20 -5.94 -0.08
CA LYS A 15 1.35 -6.12 1.36
C LYS A 15 2.40 -5.14 1.87
N ASP A 16 3.37 -4.79 1.04
CA ASP A 16 4.28 -3.68 1.28
C ASP A 16 3.53 -2.37 1.16
N LEU A 17 2.45 -2.37 0.36
CA LEU A 17 1.61 -1.22 0.11
C LEU A 17 0.49 -1.20 1.15
N VAL A 18 -0.14 -2.35 1.38
CA VAL A 18 -1.10 -2.44 2.48
C VAL A 18 -0.35 -2.27 3.80
N LYS A 19 0.94 -2.64 3.82
CA LYS A 19 1.80 -2.43 4.97
C LYS A 19 2.13 -0.95 5.11
N GLY A 20 2.33 -0.27 3.97
CA GLY A 20 2.61 1.15 3.90
C GLY A 20 1.37 1.95 4.25
N ALA A 21 0.21 1.52 3.74
CA ALA A 21 -1.07 2.07 4.14
C ALA A 21 -1.31 1.80 5.62
N ALA A 22 -0.82 0.66 6.12
CA ALA A 22 -0.98 0.27 7.51
C ALA A 22 0.18 0.78 8.37
N GLN A 23 0.83 1.88 7.96
CA GLN A 23 1.91 2.49 8.70
C GLN A 23 1.32 3.33 9.83
N GLY A 24 0.41 4.24 9.49
CA GLY A 24 -0.22 5.14 10.43
C GLY A 24 -1.43 5.78 9.77
N VAL A 25 -2.53 5.02 9.69
CA VAL A 25 -3.74 5.45 9.00
C VAL A 25 -4.27 6.74 9.63
N LEU A 26 -4.55 6.69 10.94
CA LEU A 26 -5.03 7.83 11.70
C LEU A 26 -4.03 8.98 11.65
N SER A 27 -2.73 8.66 11.57
CA SER A 27 -1.68 9.65 11.45
C SER A 27 -1.71 10.30 10.07
N THR A 28 -1.97 9.51 9.02
CA THR A 28 -1.97 10.04 7.66
C THR A 28 -3.11 11.03 7.46
N VAL A 29 -4.26 10.79 8.10
CA VAL A 29 -5.39 11.71 8.05
C VAL A 29 -4.95 13.13 8.39
N SER A 30 -3.92 13.26 9.23
CA SER A 30 -3.46 14.56 9.72
C SER A 30 -2.71 15.33 8.67
N CYS A 31 -1.57 14.80 8.19
CA CYS A 31 -0.89 15.37 7.04
C CYS A 31 -1.85 15.54 5.87
N LYS A 32 -2.89 14.70 5.81
CA LYS A 32 -3.60 14.42 4.58
C LYS A 32 -4.57 15.54 4.27
N LEU A 33 -3.96 16.69 3.99
CA LEU A 33 -4.60 17.84 3.38
C LEU A 33 -4.50 17.70 1.86
N ALA A 34 -3.29 17.48 1.34
CA ALA A 34 -3.05 17.25 -0.08
C ALA A 34 -1.80 16.39 -0.31
N LYS A 35 -1.12 15.97 0.77
CA LYS A 35 0.07 15.15 0.74
C LYS A 35 -0.25 13.67 0.73
N THR A 36 -1.17 13.23 1.61
CA THR A 36 -1.25 11.84 2.01
C THR A 36 0.07 11.43 2.67
N CYS A 37 0.91 12.41 3.03
CA CYS A 37 2.21 12.19 3.66
C CYS A 37 3.22 11.71 2.62
N GLY A 1 -0.41 -17.83 -13.77
CA GLY A 1 -0.07 -17.12 -15.00
C GLY A 1 0.56 -15.76 -14.73
N ILE A 2 0.97 -15.06 -15.79
CA ILE A 2 1.55 -13.73 -15.70
C ILE A 2 0.51 -12.75 -15.19
N LEU A 3 -0.78 -13.00 -15.49
CA LEU A 3 -1.90 -12.22 -14.97
C LEU A 3 -2.01 -12.34 -13.45
N ASP A 4 -1.54 -13.45 -12.88
CA ASP A 4 -1.57 -13.68 -11.44
C ASP A 4 -0.29 -13.15 -10.83
N THR A 5 0.74 -12.97 -11.67
CA THR A 5 2.05 -12.58 -11.20
C THR A 5 2.05 -11.09 -10.85
N LEU A 6 1.47 -10.27 -11.73
CA LEU A 6 1.29 -8.85 -11.50
C LEU A 6 0.45 -8.61 -10.25
N LYS A 7 -0.59 -9.44 -10.06
CA LYS A 7 -1.45 -9.38 -8.89
C LYS A 7 -0.65 -9.74 -7.64
N GLN A 8 0.13 -10.82 -7.71
CA GLN A 8 0.98 -11.28 -6.63
C GLN A 8 2.02 -10.23 -6.31
N PHE A 9 2.66 -9.69 -7.35
CA PHE A 9 3.64 -8.61 -7.22
C PHE A 9 2.98 -7.39 -6.59
N ALA A 10 1.85 -6.95 -7.15
CA ALA A 10 1.11 -5.81 -6.66
C ALA A 10 0.55 -6.08 -5.25
N LYS A 11 0.29 -7.34 -4.92
CA LYS A 11 -0.18 -7.74 -3.61
C LYS A 11 0.96 -7.63 -2.60
N GLY A 12 2.16 -8.05 -2.99
CA GLY A 12 3.33 -7.97 -2.13
C GLY A 12 3.95 -6.59 -2.14
N VAL A 13 3.83 -5.87 -3.26
CA VAL A 13 3.97 -4.43 -3.26
C VAL A 13 2.57 -3.86 -3.03
N GLY A 14 1.88 -4.45 -2.05
CA GLY A 14 0.56 -4.04 -1.62
C GLY A 14 0.47 -4.19 -0.10
N LYS A 15 1.21 -5.14 0.46
CA LYS A 15 1.33 -5.30 1.90
C LYS A 15 2.47 -4.45 2.44
N ASP A 16 3.39 -4.05 1.56
CA ASP A 16 4.39 -3.04 1.86
C ASP A 16 3.72 -1.67 1.89
N LEU A 17 2.63 -1.52 1.11
CA LEU A 17 1.88 -0.29 0.96
C LEU A 17 0.80 -0.27 2.03
N VAL A 18 0.06 -1.37 2.15
CA VAL A 18 -0.92 -1.49 3.22
C VAL A 18 -0.18 -1.54 4.56
N LYS A 19 1.05 -2.07 4.54
CA LYS A 19 1.92 -2.05 5.71
C LYS A 19 2.39 -0.63 5.99
N GLY A 20 2.57 0.15 4.93
CA GLY A 20 2.94 1.56 5.01
C GLY A 20 1.77 2.37 5.52
N ALA A 21 0.58 2.11 4.98
CA ALA A 21 -0.65 2.72 5.45
C ALA A 21 -0.97 2.26 6.86
N ALA A 22 -0.58 1.03 7.22
CA ALA A 22 -0.83 0.48 8.53
C ALA A 22 -0.08 1.25 9.62
N GLN A 23 0.94 2.02 9.24
CA GLN A 23 1.72 2.84 10.16
C GLN A 23 0.81 3.78 10.95
N GLY A 24 -0.19 4.38 10.29
CA GLY A 24 -1.11 5.30 10.92
C GLY A 24 -2.26 5.59 9.96
N VAL A 25 -3.19 4.65 9.84
CA VAL A 25 -4.32 4.75 8.92
C VAL A 25 -5.09 6.05 9.14
N LEU A 26 -5.29 6.39 10.41
CA LEU A 26 -5.99 7.60 10.84
C LEU A 26 -5.35 8.85 10.25
N SER A 27 -4.02 8.88 10.15
CA SER A 27 -3.28 10.01 9.60
C SER A 27 -3.08 9.86 8.10
N THR A 28 -2.69 8.65 7.63
CA THR A 28 -2.44 8.37 6.23
C THR A 28 -3.58 8.86 5.36
N VAL A 29 -4.81 8.44 5.67
CA VAL A 29 -6.01 8.82 4.95
C VAL A 29 -6.08 10.33 4.75
N SER A 30 -5.54 11.07 5.72
CA SER A 30 -5.50 12.52 5.68
C SER A 30 -4.25 13.02 4.96
N CYS A 31 -3.08 12.65 5.49
CA CYS A 31 -1.81 13.10 4.95
C CYS A 31 -1.63 12.69 3.49
N LYS A 32 -2.52 11.85 2.93
CA LYS A 32 -2.16 11.18 1.69
C LYS A 32 -2.30 12.08 0.46
N LEU A 33 -2.12 13.39 0.65
CA LEU A 33 -1.94 14.33 -0.44
C LEU A 33 -0.71 13.93 -1.24
N ALA A 34 0.36 13.52 -0.54
CA ALA A 34 1.56 12.96 -1.13
C ALA A 34 2.11 11.85 -0.24
N LYS A 35 1.20 10.97 0.23
CA LYS A 35 1.50 9.85 1.11
C LYS A 35 2.37 10.31 2.30
N THR A 36 1.98 11.44 2.91
CA THR A 36 2.80 12.11 3.90
C THR A 36 2.85 11.35 5.23
N CYS A 37 1.91 10.44 5.46
CA CYS A 37 1.89 9.61 6.67
C CYS A 37 1.53 8.17 6.31
N GLY A 1 0.20 -16.23 -19.98
CA GLY A 1 1.37 -16.87 -19.36
C GLY A 1 1.68 -16.28 -17.99
N ILE A 2 1.87 -14.96 -17.94
CA ILE A 2 2.18 -14.24 -16.71
C ILE A 2 0.91 -13.99 -15.90
N LEU A 3 0.16 -15.07 -15.64
CA LEU A 3 -1.15 -15.00 -15.01
C LEU A 3 -1.04 -14.93 -13.49
N ASP A 4 -0.19 -15.80 -12.92
CA ASP A 4 0.09 -15.84 -11.51
C ASP A 4 1.26 -14.92 -11.20
N THR A 5 1.95 -14.46 -12.24
CA THR A 5 3.18 -13.71 -12.10
C THR A 5 2.89 -12.30 -11.62
N LEU A 6 2.10 -11.56 -12.39
CA LEU A 6 1.63 -10.23 -12.00
C LEU A 6 0.88 -10.31 -10.68
N LYS A 7 0.07 -11.36 -10.51
CA LYS A 7 -0.70 -11.61 -9.31
C LYS A 7 0.21 -11.70 -8.07
N GLN A 8 1.32 -12.44 -8.19
CA GLN A 8 2.27 -12.60 -7.11
C GLN A 8 2.82 -11.24 -6.68
N PHE A 9 3.30 -10.46 -7.65
CA PHE A 9 3.83 -9.13 -7.40
C PHE A 9 2.74 -8.18 -6.92
N ALA A 10 1.54 -8.28 -7.50
CA ALA A 10 0.40 -7.49 -7.07
C ALA A 10 0.05 -7.83 -5.63
N LYS A 11 0.17 -9.11 -5.24
CA LYS A 11 0.03 -9.54 -3.87
C LYS A 11 1.34 -9.30 -3.12
N GLY A 12 1.95 -8.14 -3.36
CA GLY A 12 3.15 -7.68 -2.68
C GLY A 12 3.32 -6.18 -2.92
N VAL A 13 2.97 -5.73 -4.13
CA VAL A 13 2.56 -4.37 -4.36
C VAL A 13 1.06 -4.30 -4.08
N GLY A 14 0.69 -4.90 -2.95
CA GLY A 14 -0.64 -4.93 -2.39
C GLY A 14 -0.53 -5.08 -0.87
N LYS A 15 0.55 -5.73 -0.42
CA LYS A 15 0.91 -5.81 0.98
C LYS A 15 1.58 -4.52 1.39
N ASP A 16 2.45 -4.00 0.51
CA ASP A 16 3.10 -2.71 0.67
C ASP A 16 2.06 -1.58 0.66
N LEU A 17 0.89 -1.84 0.07
CA LEU A 17 -0.20 -0.89 -0.02
C LEU A 17 -1.08 -1.05 1.21
N VAL A 18 -1.32 -2.30 1.61
CA VAL A 18 -1.98 -2.59 2.86
C VAL A 18 -1.08 -2.11 4.00
N LYS A 19 0.24 -2.17 3.80
CA LYS A 19 1.21 -1.64 4.75
C LYS A 19 1.15 -0.11 4.75
N GLY A 20 0.92 0.46 3.57
CA GLY A 20 0.81 1.90 3.38
C GLY A 20 -0.51 2.40 3.94
N ALA A 21 -1.59 1.64 3.70
CA ALA A 21 -2.87 1.89 4.34
C ALA A 21 -2.73 1.71 5.86
N ALA A 22 -1.90 0.74 6.27
CA ALA A 22 -1.66 0.45 7.67
C ALA A 22 -0.48 1.26 8.21
N GLN A 23 -0.40 2.55 7.82
CA GLN A 23 0.67 3.44 8.22
C GLN A 23 0.28 4.16 9.52
N GLY A 24 -0.84 4.90 9.50
CA GLY A 24 -1.27 5.70 10.62
C GLY A 24 -2.12 4.86 11.56
N VAL A 25 -3.40 4.62 11.24
CA VAL A 25 -4.09 5.13 10.07
C VAL A 25 -4.62 6.53 10.35
N LEU A 26 -5.21 6.71 11.54
CA LEU A 26 -5.83 7.94 11.99
C LEU A 26 -4.89 9.15 11.89
N SER A 27 -3.58 8.90 11.80
CA SER A 27 -2.57 9.94 11.69
C SER A 27 -2.34 10.31 10.24
N THR A 28 -2.14 9.31 9.36
CA THR A 28 -1.84 9.52 7.95
C THR A 28 -2.82 10.52 7.33
N VAL A 29 -4.12 10.28 7.51
CA VAL A 29 -5.19 11.09 6.96
C VAL A 29 -4.99 12.57 7.26
N SER A 30 -4.51 12.92 8.46
CA SER A 30 -4.30 14.29 8.86
C SER A 30 -3.08 14.88 8.14
N CYS A 31 -1.94 14.22 8.30
CA CYS A 31 -0.69 14.62 7.65
C CYS A 31 -0.64 14.09 6.21
N LYS A 32 -1.80 13.90 5.57
CA LYS A 32 -1.89 13.33 4.24
C LYS A 32 -1.80 14.41 3.16
N LEU A 33 -2.48 15.54 3.38
CA LEU A 33 -2.56 16.65 2.45
C LEU A 33 -1.18 17.05 1.92
N ALA A 34 -0.30 17.54 2.79
CA ALA A 34 1.07 17.87 2.43
C ALA A 34 1.91 16.61 2.24
N LYS A 35 1.36 15.46 2.64
CA LYS A 35 1.91 14.13 2.51
C LYS A 35 3.37 14.05 2.96
N THR A 36 3.62 14.53 4.19
CA THR A 36 4.81 14.15 4.93
C THR A 36 4.65 12.71 5.43
N CYS A 37 3.40 12.20 5.41
CA CYS A 37 3.07 10.84 5.80
C CYS A 37 2.74 10.05 4.54
N GLY A 1 1.84 -16.23 -15.31
CA GLY A 1 1.97 -14.76 -15.32
C GLY A 1 1.56 -14.15 -16.66
N ILE A 2 1.54 -12.81 -16.77
CA ILE A 2 1.85 -11.89 -15.68
C ILE A 2 0.60 -11.51 -14.88
N LEU A 3 -0.49 -12.29 -15.04
CA LEU A 3 -1.74 -12.03 -14.36
C LEU A 3 -1.71 -12.49 -12.91
N ASP A 4 -0.75 -13.35 -12.55
CA ASP A 4 -0.46 -13.68 -11.17
C ASP A 4 0.59 -12.72 -10.64
N THR A 5 1.45 -12.22 -11.55
CA THR A 5 2.68 -11.55 -11.18
C THR A 5 2.42 -10.16 -10.63
N LEU A 6 1.75 -9.32 -11.41
CA LEU A 6 1.39 -7.97 -10.99
C LEU A 6 0.47 -8.02 -9.77
N LYS A 7 -0.40 -9.04 -9.73
CA LYS A 7 -1.33 -9.29 -8.66
C LYS A 7 -0.59 -9.68 -7.38
N GLN A 8 0.47 -10.49 -7.51
CA GLN A 8 1.33 -10.87 -6.41
C GLN A 8 2.03 -9.64 -5.86
N PHE A 9 2.60 -8.83 -6.76
CA PHE A 9 3.31 -7.61 -6.39
C PHE A 9 2.35 -6.60 -5.79
N ALA A 10 1.18 -6.40 -6.42
CA ALA A 10 0.13 -5.56 -5.87
C ALA A 10 -0.34 -6.11 -4.53
N LYS A 11 -0.43 -7.44 -4.42
CA LYS A 11 -0.72 -8.13 -3.18
C LYS A 11 0.56 -8.25 -2.35
N GLY A 12 1.34 -7.16 -2.34
CA GLY A 12 2.57 -7.03 -1.56
C GLY A 12 2.94 -5.56 -1.46
N VAL A 13 2.73 -4.81 -2.54
CA VAL A 13 2.52 -3.38 -2.47
C VAL A 13 1.03 -3.16 -2.18
N GLY A 14 0.53 -3.95 -1.22
CA GLY A 14 -0.80 -3.90 -0.68
C GLY A 14 -0.71 -4.30 0.80
N LYS A 15 0.25 -5.18 1.11
CA LYS A 15 0.60 -5.52 2.48
C LYS A 15 1.49 -4.41 3.03
N ASP A 16 2.42 -3.93 2.20
CA ASP A 16 3.27 -2.79 2.50
C ASP A 16 2.45 -1.50 2.61
N LEU A 17 1.22 -1.51 2.09
CA LEU A 17 0.30 -0.39 2.20
C LEU A 17 -0.53 -0.57 3.46
N VAL A 18 -0.96 -1.81 3.71
CA VAL A 18 -1.62 -2.15 4.95
C VAL A 18 -0.62 -1.99 6.10
N LYS A 19 0.66 -2.26 5.81
CA LYS A 19 1.74 -2.06 6.77
C LYS A 19 1.96 -0.56 6.99
N GLY A 20 1.76 0.23 5.93
CA GLY A 20 1.86 1.67 6.00
C GLY A 20 0.69 2.22 6.81
N ALA A 21 -0.52 1.75 6.50
CA ALA A 21 -1.71 2.10 7.25
C ALA A 21 -1.65 1.54 8.67
N ALA A 22 -0.96 0.41 8.86
CA ALA A 22 -0.85 -0.21 10.18
C ALA A 22 -0.14 0.72 11.16
N GLN A 23 0.80 1.53 10.67
CA GLN A 23 1.52 2.50 11.46
C GLN A 23 0.55 3.51 12.08
N GLY A 24 -0.36 4.04 11.25
CA GLY A 24 -1.32 5.04 11.66
C GLY A 24 -2.27 5.31 10.51
N VAL A 25 -3.45 4.67 10.54
CA VAL A 25 -4.38 4.69 9.43
C VAL A 25 -4.75 6.12 9.07
N LEU A 26 -5.34 6.83 10.04
CA LEU A 26 -5.74 8.22 9.89
C LEU A 26 -4.56 9.08 9.47
N SER A 27 -3.37 8.80 10.04
CA SER A 27 -2.15 9.50 9.69
C SER A 27 -1.79 9.26 8.23
N THR A 28 -1.74 7.98 7.82
CA THR A 28 -1.41 7.62 6.44
C THR A 28 -2.45 8.21 5.49
N VAL A 29 -3.74 8.03 5.79
CA VAL A 29 -4.82 8.61 5.02
C VAL A 29 -4.71 10.13 4.99
N SER A 30 -4.21 10.75 6.07
CA SER A 30 -4.01 12.18 6.13
C SER A 30 -2.83 12.59 5.25
N CYS A 31 -1.65 12.09 5.59
CA CYS A 31 -0.43 12.36 4.84
C CYS A 31 -0.38 11.58 3.52
N LYS A 32 -1.53 11.11 3.04
CA LYS A 32 -1.63 10.31 1.82
C LYS A 32 -1.84 11.21 0.60
N LEU A 33 -2.56 12.32 0.76
CA LEU A 33 -2.77 13.30 -0.30
C LEU A 33 -1.39 13.78 -0.76
N ALA A 34 -0.58 14.24 0.20
CA ALA A 34 0.84 14.35 0.03
C ALA A 34 1.44 12.96 0.26
N LYS A 35 1.32 12.10 -0.76
CA LYS A 35 1.64 10.68 -0.74
C LYS A 35 3.13 10.42 -0.48
N THR A 36 3.82 11.39 0.13
CA THR A 36 5.15 11.17 0.64
C THR A 36 5.10 10.47 1.99
N CYS A 37 3.95 9.83 2.33
CA CYS A 37 3.77 9.30 3.66
C CYS A 37 2.50 8.46 3.72
N GLY A 1 0.57 -16.19 -17.12
CA GLY A 1 -0.23 -15.12 -16.50
C GLY A 1 0.67 -14.04 -15.90
N ILE A 2 1.38 -13.30 -16.76
CA ILE A 2 2.25 -12.21 -16.35
C ILE A 2 1.46 -11.15 -15.59
N LEU A 3 0.19 -10.96 -15.97
CA LEU A 3 -0.70 -10.01 -15.33
C LEU A 3 -1.07 -10.43 -13.92
N ASP A 4 -1.03 -11.74 -13.63
CA ASP A 4 -1.29 -12.26 -12.31
C ASP A 4 0.03 -12.33 -11.55
N THR A 5 1.15 -12.34 -12.29
CA THR A 5 2.46 -12.47 -11.69
C THR A 5 2.83 -11.17 -10.98
N LEU A 6 2.71 -10.04 -11.67
CA LEU A 6 2.91 -8.73 -11.07
C LEU A 6 1.85 -8.47 -10.00
N LYS A 7 0.63 -8.99 -10.22
CA LYS A 7 -0.47 -8.87 -9.29
C LYS A 7 -0.13 -9.55 -7.96
N GLN A 8 0.45 -10.76 -8.04
CA GLN A 8 0.85 -11.54 -6.89
C GLN A 8 1.72 -10.70 -5.95
N PHE A 9 2.76 -10.07 -6.51
CA PHE A 9 3.73 -9.29 -5.75
C PHE A 9 3.19 -7.90 -5.41
N ALA A 10 2.33 -7.34 -6.28
CA ALA A 10 1.73 -6.04 -6.05
C ALA A 10 0.90 -6.03 -4.77
N LYS A 11 0.17 -7.13 -4.53
CA LYS A 11 -0.59 -7.32 -3.29
C LYS A 11 0.37 -7.43 -2.10
N GLY A 12 1.58 -7.95 -2.33
CA GLY A 12 2.60 -8.01 -1.29
C GLY A 12 3.23 -6.64 -1.07
N VAL A 13 3.29 -5.81 -2.11
CA VAL A 13 3.52 -4.39 -1.94
C VAL A 13 2.17 -3.71 -1.71
N GLY A 14 1.29 -4.42 -1.00
CA GLY A 14 0.03 -3.94 -0.49
C GLY A 14 -0.02 -4.27 1.00
N LYS A 15 0.59 -5.41 1.36
CA LYS A 15 0.79 -5.80 2.74
C LYS A 15 1.90 -4.95 3.35
N ASP A 16 3.00 -4.80 2.62
CA ASP A 16 4.10 -3.91 2.99
C ASP A 16 3.63 -2.45 2.98
N LEU A 17 2.51 -2.20 2.29
CA LEU A 17 1.90 -0.88 2.16
C LEU A 17 0.93 -0.71 3.31
N VAL A 18 0.15 -1.77 3.58
CA VAL A 18 -0.67 -1.83 4.78
C VAL A 18 0.24 -1.80 6.01
N LYS A 19 1.43 -2.41 5.89
CA LYS A 19 2.43 -2.38 6.94
C LYS A 19 3.03 -0.98 7.05
N GLY A 20 3.12 -0.29 5.92
CA GLY A 20 3.59 1.08 5.86
C GLY A 20 2.54 2.01 6.46
N ALA A 21 1.28 1.81 6.08
CA ALA A 21 0.15 2.53 6.65
C ALA A 21 -0.05 2.15 8.12
N ALA A 22 0.32 0.93 8.50
CA ALA A 22 0.15 0.46 9.87
C ALA A 22 0.97 1.31 10.83
N GLN A 23 2.15 1.76 10.39
CA GLN A 23 3.03 2.61 11.17
C GLN A 23 2.36 3.93 11.54
N GLY A 24 1.44 4.41 10.69
CA GLY A 24 0.75 5.67 10.91
C GLY A 24 -0.50 5.69 10.05
N VAL A 25 -1.59 5.12 10.56
CA VAL A 25 -2.80 4.93 9.80
C VAL A 25 -3.49 6.28 9.58
N LEU A 26 -3.89 6.93 10.68
CA LEU A 26 -4.61 8.18 10.67
C LEU A 26 -3.88 9.24 9.84
N SER A 27 -2.55 9.25 9.91
CA SER A 27 -1.73 10.20 9.16
C SER A 27 -1.82 9.91 7.67
N THR A 28 -1.65 8.64 7.26
CA THR A 28 -1.75 8.24 5.87
C THR A 28 -3.12 8.60 5.29
N VAL A 29 -4.18 8.30 6.04
CA VAL A 29 -5.54 8.64 5.66
C VAL A 29 -5.67 10.13 5.38
N SER A 30 -4.88 10.96 6.09
CA SER A 30 -4.91 12.41 5.93
C SER A 30 -3.93 12.86 4.87
N CYS A 31 -2.68 12.38 4.93
CA CYS A 31 -1.67 12.69 3.93
C CYS A 31 -2.11 12.31 2.52
N LYS A 32 -3.11 11.43 2.40
CA LYS A 32 -3.29 10.69 1.17
C LYS A 32 -3.92 11.51 0.05
N LEU A 33 -3.76 12.85 0.11
CA LEU A 33 -4.15 13.73 -0.97
C LEU A 33 -3.37 13.36 -2.23
N ALA A 34 -2.04 13.23 -2.09
CA ALA A 34 -1.16 12.73 -3.12
C ALA A 34 -0.11 11.82 -2.49
N LYS A 35 -0.57 10.92 -1.60
CA LYS A 35 0.25 10.02 -0.82
C LYS A 35 1.46 10.74 -0.22
N THR A 36 1.18 11.78 0.56
CA THR A 36 2.22 12.53 1.26
C THR A 36 2.83 11.67 2.37
N CYS A 37 2.11 10.63 2.82
CA CYS A 37 2.63 9.69 3.80
C CYS A 37 1.74 8.44 3.87
N GLY A 1 2.59 -21.22 -14.49
CA GLY A 1 2.68 -20.47 -15.76
C GLY A 1 2.83 -18.96 -15.53
N ILE A 2 2.79 -18.19 -16.63
CA ILE A 2 2.87 -16.74 -16.59
C ILE A 2 1.73 -16.17 -15.75
N LEU A 3 0.58 -16.85 -15.74
CA LEU A 3 -0.60 -16.42 -15.01
C LEU A 3 -0.43 -16.60 -13.51
N ASP A 4 0.48 -17.48 -13.08
CA ASP A 4 0.82 -17.66 -11.69
C ASP A 4 1.96 -16.71 -11.35
N THR A 5 2.74 -16.33 -12.37
CA THR A 5 3.94 -15.55 -12.17
C THR A 5 3.59 -14.10 -11.86
N LEU A 6 2.70 -13.51 -12.67
CA LEU A 6 2.20 -12.17 -12.43
C LEU A 6 1.42 -12.12 -11.11
N LYS A 7 0.66 -13.18 -10.83
CA LYS A 7 -0.12 -13.31 -9.62
C LYS A 7 0.80 -13.33 -8.39
N GLN A 8 1.93 -14.03 -8.48
CA GLN A 8 2.92 -14.13 -7.42
C GLN A 8 3.32 -12.74 -6.93
N PHE A 9 3.54 -11.82 -7.87
CA PHE A 9 4.00 -10.47 -7.59
C PHE A 9 2.83 -9.52 -7.37
N ALA A 10 1.76 -9.65 -8.15
CA ALA A 10 0.61 -8.77 -8.09
C ALA A 10 -0.01 -8.73 -6.70
N LYS A 11 -0.07 -9.88 -6.02
CA LYS A 11 -0.56 -9.95 -4.65
C LYS A 11 0.40 -9.24 -3.70
N GLY A 12 1.71 -9.32 -3.97
CA GLY A 12 2.71 -8.58 -3.22
C GLY A 12 2.65 -7.09 -3.55
N VAL A 13 2.14 -6.75 -4.74
CA VAL A 13 1.66 -5.40 -4.99
C VAL A 13 0.20 -5.34 -4.52
N GLY A 14 0.03 -5.82 -3.28
CA GLY A 14 -1.22 -5.79 -2.53
C GLY A 14 -0.85 -5.68 -1.05
N LYS A 15 0.27 -6.30 -0.68
CA LYS A 15 0.87 -6.11 0.63
C LYS A 15 1.50 -4.73 0.68
N ASP A 16 2.21 -4.36 -0.40
CA ASP A 16 2.84 -3.06 -0.56
C ASP A 16 1.78 -1.94 -0.58
N LEU A 17 0.54 -2.29 -0.96
CA LEU A 17 -0.56 -1.35 -1.02
C LEU A 17 -1.23 -1.31 0.33
N VAL A 18 -1.32 -2.47 0.99
CA VAL A 18 -1.71 -2.53 2.38
C VAL A 18 -0.62 -1.87 3.22
N LYS A 19 0.63 -1.94 2.75
CA LYS A 19 1.76 -1.26 3.38
C LYS A 19 1.79 0.22 2.98
N GLY A 20 0.79 0.66 2.18
CA GLY A 20 0.67 2.03 1.71
C GLY A 20 -0.63 2.64 2.22
N ALA A 21 -1.77 2.15 1.72
CA ALA A 21 -3.08 2.59 2.15
C ALA A 21 -3.26 2.41 3.65
N ALA A 22 -3.22 1.15 4.10
CA ALA A 22 -3.42 0.78 5.49
C ALA A 22 -2.08 0.76 6.24
N GLN A 23 -1.23 1.75 5.96
CA GLN A 23 0.07 1.89 6.62
C GLN A 23 -0.13 2.55 7.97
N GLY A 24 -0.68 3.77 7.97
CA GLY A 24 -0.93 4.55 9.17
C GLY A 24 -1.86 5.70 8.82
N VAL A 25 -3.14 5.38 8.63
CA VAL A 25 -4.15 6.34 8.20
C VAL A 25 -4.31 7.43 9.25
N LEU A 26 -4.49 7.02 10.50
CA LEU A 26 -4.72 7.90 11.64
C LEU A 26 -3.67 9.03 11.71
N SER A 27 -2.40 8.70 11.41
CA SER A 27 -1.33 9.66 11.44
C SER A 27 -1.30 10.49 10.15
N THR A 28 -1.51 9.84 9.00
CA THR A 28 -1.49 10.48 7.69
C THR A 28 -2.60 11.53 7.61
N VAL A 29 -3.84 11.13 7.91
CA VAL A 29 -4.98 12.01 7.86
C VAL A 29 -4.85 13.13 8.89
N SER A 30 -4.28 12.80 10.05
CA SER A 30 -4.08 13.73 11.14
C SER A 30 -3.07 14.81 10.78
N CYS A 31 -1.86 14.39 10.37
CA CYS A 31 -0.79 15.29 10.01
C CYS A 31 -1.07 16.02 8.69
N LYS A 32 -2.28 15.86 8.12
CA LYS A 32 -2.58 16.36 6.81
C LYS A 32 -2.90 17.85 6.87
N LEU A 33 -1.93 18.61 7.37
CA LEU A 33 -1.93 20.06 7.31
C LEU A 33 -1.24 20.45 6.01
N ALA A 34 -1.93 20.20 4.89
CA ALA A 34 -1.39 20.30 3.55
C ALA A 34 -0.27 19.27 3.35
N LYS A 35 -0.56 18.01 3.72
CA LYS A 35 0.33 16.87 3.56
C LYS A 35 1.69 17.13 4.21
N THR A 36 1.70 17.23 5.54
CA THR A 36 2.94 17.40 6.30
C THR A 36 3.68 16.07 6.39
N CYS A 37 2.95 14.96 6.54
CA CYS A 37 3.56 13.63 6.63
C CYS A 37 2.80 12.63 5.75
N GLY A 1 0.24 -22.65 -17.20
CA GLY A 1 1.21 -21.61 -17.58
C GLY A 1 1.60 -20.72 -16.40
N ILE A 2 2.29 -19.61 -16.70
CA ILE A 2 2.71 -18.64 -15.71
C ILE A 2 1.56 -17.68 -15.37
N LEU A 3 0.34 -18.21 -15.30
CA LEU A 3 -0.88 -17.44 -15.13
C LEU A 3 -1.10 -17.09 -13.66
N ASP A 4 -0.78 -18.03 -12.76
CA ASP A 4 -0.84 -17.83 -11.33
C ASP A 4 0.49 -17.28 -10.84
N THR A 5 1.52 -17.42 -11.68
CA THR A 5 2.87 -17.06 -11.30
C THR A 5 3.02 -15.55 -11.25
N LEU A 6 2.62 -14.86 -12.32
CA LEU A 6 2.58 -13.42 -12.37
C LEU A 6 1.52 -12.90 -11.39
N LYS A 7 0.40 -13.63 -11.26
CA LYS A 7 -0.67 -13.30 -10.35
C LYS A 7 -0.16 -13.21 -8.92
N GLN A 8 0.64 -14.20 -8.51
CA GLN A 8 1.25 -14.27 -7.19
C GLN A 8 2.12 -13.03 -6.95
N PHE A 9 2.97 -12.71 -7.92
CA PHE A 9 3.86 -11.56 -7.86
C PHE A 9 3.05 -10.27 -7.89
N ALA A 10 2.04 -10.19 -8.76
CA ALA A 10 1.23 -9.01 -8.94
C ALA A 10 0.49 -8.62 -7.66
N LYS A 11 -0.05 -9.60 -6.92
CA LYS A 11 -0.71 -9.35 -5.65
C LYS A 11 0.30 -9.21 -4.52
N GLY A 12 1.53 -9.71 -4.72
CA GLY A 12 2.64 -9.47 -3.82
C GLY A 12 3.25 -8.09 -4.07
N VAL A 13 3.16 -7.63 -5.32
CA VAL A 13 3.27 -6.21 -5.61
C VAL A 13 1.85 -5.64 -5.51
N GLY A 14 1.17 -6.00 -4.43
CA GLY A 14 -0.16 -5.53 -4.09
C GLY A 14 -0.29 -5.45 -2.57
N LYS A 15 0.45 -6.29 -1.85
CA LYS A 15 0.52 -6.24 -0.40
C LYS A 15 1.64 -5.30 0.03
N ASP A 16 2.62 -5.08 -0.86
CA ASP A 16 3.60 -4.03 -0.72
C ASP A 16 2.94 -2.66 -0.96
N LEU A 17 1.86 -2.65 -1.76
CA LEU A 17 1.13 -1.46 -2.12
C LEU A 17 0.03 -1.23 -1.11
N VAL A 18 -0.73 -2.28 -0.80
CA VAL A 18 -1.73 -2.21 0.24
C VAL A 18 -1.03 -2.01 1.59
N LYS A 19 0.19 -2.57 1.71
CA LYS A 19 1.03 -2.36 2.87
C LYS A 19 1.49 -0.91 2.93
N GLY A 20 1.83 -0.36 1.75
CA GLY A 20 2.26 1.02 1.60
C GLY A 20 1.11 1.97 1.83
N ALA A 21 -0.07 1.63 1.29
CA ALA A 21 -1.29 2.35 1.60
C ALA A 21 -1.62 2.21 3.09
N ALA A 22 -1.31 1.03 3.66
CA ALA A 22 -1.55 0.76 5.06
C ALA A 22 -0.35 1.15 5.93
N GLN A 23 0.45 2.12 5.48
CA GLN A 23 1.59 2.61 6.24
C GLN A 23 1.10 3.57 7.33
N GLY A 24 0.48 4.67 6.92
CA GLY A 24 -0.07 5.66 7.83
C GLY A 24 -0.86 6.69 7.03
N VAL A 25 -1.79 6.21 6.20
CA VAL A 25 -2.59 7.07 5.35
C VAL A 25 -3.64 7.80 6.19
N LEU A 26 -4.32 7.05 7.06
CA LEU A 26 -5.28 7.58 8.01
C LEU A 26 -4.59 8.54 8.98
N SER A 27 -3.35 8.22 9.36
CA SER A 27 -2.56 9.04 10.26
C SER A 27 -2.26 10.40 9.62
N THR A 28 -1.81 10.38 8.35
CA THR A 28 -1.51 11.59 7.61
C THR A 28 -2.75 12.49 7.55
N VAL A 29 -3.90 11.92 7.15
CA VAL A 29 -5.16 12.64 7.04
C VAL A 29 -5.51 13.34 8.36
N SER A 30 -5.13 12.74 9.50
CA SER A 30 -5.38 13.32 10.81
C SER A 30 -4.46 14.51 11.05
N CYS A 31 -3.16 14.26 11.09
CA CYS A 31 -2.17 15.32 11.29
C CYS A 31 -1.98 16.15 10.02
N LYS A 32 -2.91 16.05 9.06
CA LYS A 32 -2.83 16.78 7.80
C LYS A 32 -3.51 18.14 7.90
N LEU A 33 -4.56 18.25 8.71
CA LEU A 33 -5.33 19.48 8.88
C LEU A 33 -4.42 20.66 9.19
N ALA A 34 -3.72 20.62 10.33
CA ALA A 34 -2.74 21.62 10.69
C ALA A 34 -1.39 21.36 10.00
N LYS A 35 -1.29 20.21 9.33
CA LYS A 35 -0.14 19.75 8.59
C LYS A 35 1.15 19.92 9.38
N THR A 36 1.20 19.28 10.56
CA THR A 36 2.46 19.01 11.24
C THR A 36 3.15 17.83 10.56
N CYS A 37 2.39 17.05 9.77
CA CYS A 37 2.91 15.95 8.98
C CYS A 37 3.17 16.41 7.55
N GLY A 1 1.69 -19.14 -18.56
CA GLY A 1 2.73 -18.10 -18.48
C GLY A 1 2.80 -17.46 -17.10
N ILE A 2 3.52 -16.34 -17.01
CA ILE A 2 3.68 -15.59 -15.78
C ILE A 2 2.48 -14.67 -15.55
N LEU A 3 1.28 -15.17 -15.86
CA LEU A 3 0.05 -14.39 -15.85
C LEU A 3 -0.53 -14.28 -14.45
N ASP A 4 -0.40 -15.35 -13.65
CA ASP A 4 -0.83 -15.36 -12.27
C ASP A 4 0.33 -14.92 -11.40
N THR A 5 1.55 -14.91 -11.96
CA THR A 5 2.74 -14.56 -11.23
C THR A 5 2.71 -13.07 -10.89
N LEU A 6 2.38 -12.23 -11.88
CA LEU A 6 2.21 -10.80 -11.70
C LEU A 6 1.10 -10.52 -10.69
N LYS A 7 0.03 -11.31 -10.72
CA LYS A 7 -1.09 -11.17 -9.80
C LYS A 7 -0.62 -11.46 -8.37
N GLN A 8 0.06 -12.59 -8.18
CA GLN A 8 0.64 -13.00 -6.91
C GLN A 8 1.60 -11.93 -6.42
N PHE A 9 2.51 -11.49 -7.30
CA PHE A 9 3.48 -10.46 -7.01
C PHE A 9 2.78 -9.15 -6.65
N ALA A 10 1.75 -8.77 -7.42
CA ALA A 10 0.96 -7.58 -7.14
C ALA A 10 0.22 -7.74 -5.82
N LYS A 11 -0.33 -8.94 -5.56
CA LYS A 11 -0.92 -9.28 -4.27
C LYS A 11 0.19 -9.72 -3.32
N GLY A 12 1.31 -8.98 -3.33
CA GLY A 12 2.45 -9.20 -2.46
C GLY A 12 3.25 -7.91 -2.36
N VAL A 13 3.36 -7.18 -3.48
CA VAL A 13 3.54 -5.74 -3.43
C VAL A 13 2.14 -5.12 -3.36
N GLY A 14 1.34 -5.68 -2.46
CA GLY A 14 0.00 -5.24 -2.10
C GLY A 14 -0.09 -5.32 -0.58
N LYS A 15 0.56 -6.35 -0.01
CA LYS A 15 0.77 -6.46 1.42
C LYS A 15 1.72 -5.35 1.87
N ASP A 16 2.75 -5.07 1.06
CA ASP A 16 3.69 -3.99 1.25
C ASP A 16 3.00 -2.64 1.16
N LEU A 17 1.90 -2.56 0.42
CA LEU A 17 1.11 -1.35 0.24
C LEU A 17 0.06 -1.29 1.33
N VAL A 18 -0.54 -2.45 1.64
CA VAL A 18 -1.41 -2.56 2.80
C VAL A 18 -0.58 -2.31 4.06
N LYS A 19 0.71 -2.68 4.02
CA LYS A 19 1.65 -2.41 5.10
C LYS A 19 1.98 -0.92 5.14
N GLY A 20 2.08 -0.30 3.95
CA GLY A 20 2.34 1.11 3.80
C GLY A 20 1.13 1.92 4.21
N ALA A 21 -0.06 1.46 3.83
CA ALA A 21 -1.31 2.04 4.31
C ALA A 21 -1.42 1.82 5.81
N ALA A 22 -0.92 0.68 6.30
CA ALA A 22 -0.96 0.33 7.71
C ALA A 22 0.29 0.83 8.44
N GLN A 23 0.89 1.92 7.97
CA GLN A 23 2.05 2.53 8.59
C GLN A 23 1.61 3.35 9.80
N GLY A 24 0.69 4.30 9.57
CA GLY A 24 0.19 5.18 10.62
C GLY A 24 -1.02 5.92 10.08
N VAL A 25 -2.16 5.23 10.01
CA VAL A 25 -3.40 5.77 9.46
C VAL A 25 -3.80 7.05 10.18
N LEU A 26 -3.71 7.02 11.52
CA LEU A 26 -3.98 8.16 12.37
C LEU A 26 -3.10 9.34 12.01
N SER A 27 -1.84 9.07 11.64
CA SER A 27 -0.89 10.10 11.26
C SER A 27 -1.12 10.52 9.80
N THR A 28 -1.39 9.55 8.92
CA THR A 28 -1.57 9.80 7.50
C THR A 28 -2.82 10.64 7.25
N VAL A 29 -3.95 10.23 7.82
CA VAL A 29 -5.23 10.90 7.61
C VAL A 29 -5.16 12.36 8.07
N SER A 30 -4.50 12.58 9.22
CA SER A 30 -4.28 13.90 9.77
C SER A 30 -3.26 14.66 8.92
N CYS A 31 -2.14 13.98 8.60
CA CYS A 31 -1.12 14.52 7.72
C CYS A 31 -1.65 14.71 6.30
N LYS A 32 -2.83 14.15 5.99
CA LYS A 32 -3.36 14.13 4.65
C LYS A 32 -4.15 15.41 4.39
N LEU A 33 -3.42 16.53 4.44
CA LEU A 33 -3.90 17.82 3.98
C LEU A 33 -4.02 17.75 2.46
N ALA A 34 -2.89 17.45 1.81
CA ALA A 34 -2.84 17.15 0.38
C ALA A 34 -1.85 16.02 0.15
N LYS A 35 -1.97 14.96 0.96
CA LYS A 35 -1.09 13.80 0.96
C LYS A 35 0.37 14.24 1.01
N THR A 36 0.73 15.03 2.04
CA THR A 36 2.10 15.41 2.29
C THR A 36 2.88 14.20 2.81
N CYS A 37 2.23 13.34 3.60
CA CYS A 37 2.79 12.05 3.99
C CYS A 37 2.47 11.03 2.90
N GLY A 1 0.93 -21.19 -14.73
CA GLY A 1 2.11 -21.08 -13.87
C GLY A 1 2.71 -19.67 -13.91
N ILE A 2 3.32 -19.31 -15.04
CA ILE A 2 3.89 -17.98 -15.25
C ILE A 2 2.78 -16.93 -15.17
N LEU A 3 1.58 -17.26 -15.66
CA LEU A 3 0.44 -16.36 -15.64
C LEU A 3 -0.15 -16.23 -14.24
N ASP A 4 0.20 -17.15 -13.32
CA ASP A 4 -0.18 -17.06 -11.93
C ASP A 4 0.90 -16.28 -11.20
N THR A 5 2.13 -16.34 -11.72
CA THR A 5 3.26 -15.71 -11.08
C THR A 5 3.13 -14.19 -11.14
N LEU A 6 2.74 -13.68 -12.31
CA LEU A 6 2.51 -12.26 -12.53
C LEU A 6 1.44 -11.75 -11.57
N LYS A 7 0.34 -12.50 -11.41
CA LYS A 7 -0.74 -12.18 -10.51
C LYS A 7 -0.25 -12.15 -9.07
N GLN A 8 0.49 -13.18 -8.66
CA GLN A 8 1.07 -13.29 -7.34
C GLN A 8 2.02 -12.12 -7.10
N PHE A 9 2.96 -11.91 -8.03
CA PHE A 9 3.90 -10.82 -7.97
C PHE A 9 3.18 -9.48 -7.89
N ALA A 10 2.23 -9.25 -8.81
CA ALA A 10 1.42 -8.04 -8.82
C ALA A 10 0.60 -7.93 -7.54
N LYS A 11 0.16 -9.07 -6.99
CA LYS A 11 -0.54 -9.11 -5.72
C LYS A 11 0.44 -8.87 -4.57
N GLY A 12 1.70 -9.29 -4.75
CA GLY A 12 2.76 -9.00 -3.80
C GLY A 12 3.23 -7.56 -3.93
N VAL A 13 3.16 -7.00 -5.14
CA VAL A 13 3.17 -5.56 -5.31
C VAL A 13 1.73 -5.06 -5.17
N GLY A 14 1.07 -5.60 -4.15
CA GLY A 14 -0.26 -5.21 -3.69
C GLY A 14 -0.24 -5.28 -2.17
N LYS A 15 0.53 -6.23 -1.63
CA LYS A 15 0.83 -6.30 -0.21
C LYS A 15 1.73 -5.13 0.18
N ASP A 16 2.70 -4.81 -0.68
CA ASP A 16 3.57 -3.66 -0.52
C ASP A 16 2.78 -2.36 -0.60
N LEU A 17 1.64 -2.39 -1.30
CA LEU A 17 0.76 -1.25 -1.47
C LEU A 17 -0.25 -1.23 -0.35
N VAL A 18 -0.77 -2.41 0.02
CA VAL A 18 -1.60 -2.53 1.20
C VAL A 18 -0.74 -2.23 2.43
N LYS A 19 0.57 -2.51 2.33
CA LYS A 19 1.52 -2.19 3.39
C LYS A 19 1.77 -0.69 3.41
N GLY A 20 1.80 -0.07 2.22
CA GLY A 20 1.98 1.36 2.05
C GLY A 20 0.73 2.11 2.51
N ALA A 21 -0.44 1.58 2.13
CA ALA A 21 -1.70 2.07 2.64
C ALA A 21 -1.76 1.87 4.16
N ALA A 22 -1.19 0.76 4.63
CA ALA A 22 -1.17 0.44 6.05
C ALA A 22 0.08 1.00 6.73
N GLN A 23 0.64 2.10 6.20
CA GLN A 23 1.78 2.76 6.80
C GLN A 23 1.32 3.60 7.98
N GLY A 24 0.47 4.60 7.71
CA GLY A 24 -0.11 5.45 8.73
C GLY A 24 -1.16 6.35 8.11
N VAL A 25 -2.04 5.77 7.28
CA VAL A 25 -3.10 6.50 6.62
C VAL A 25 -4.07 7.08 7.64
N LEU A 26 -4.40 6.27 8.65
CA LEU A 26 -5.24 6.66 9.77
C LEU A 26 -4.62 7.84 10.52
N SER A 27 -3.29 7.82 10.69
CA SER A 27 -2.55 8.89 11.34
C SER A 27 -2.53 10.12 10.45
N THR A 28 -2.34 9.94 9.14
CA THR A 28 -2.26 11.06 8.20
C THR A 28 -3.62 11.74 8.02
N VAL A 29 -4.69 11.19 8.58
CA VAL A 29 -5.93 11.94 8.70
C VAL A 29 -5.70 13.14 9.62
N SER A 30 -4.93 12.93 10.69
CA SER A 30 -4.53 13.98 11.60
C SER A 30 -3.43 14.83 10.97
N CYS A 31 -2.26 14.23 10.72
CA CYS A 31 -1.18 14.93 10.06
C CYS A 31 -1.45 15.01 8.55
N LYS A 32 -2.68 15.31 8.12
CA LYS A 32 -3.05 15.46 6.72
C LYS A 32 -2.89 16.88 6.17
N LEU A 33 -3.54 17.85 6.82
CA LEU A 33 -4.09 19.06 6.21
C LEU A 33 -3.31 19.53 4.99
N ALA A 34 -2.14 20.13 5.22
CA ALA A 34 -1.21 20.54 4.18
C ALA A 34 0.14 19.92 4.50
N LYS A 35 0.16 18.59 4.57
CA LYS A 35 1.22 17.82 5.19
C LYS A 35 1.51 16.56 4.41
N THR A 36 0.52 15.65 4.37
CA THR A 36 0.73 14.24 4.07
C THR A 36 1.62 13.61 5.15
N CYS A 37 1.83 14.33 6.26
CA CYS A 37 2.61 13.88 7.40
C CYS A 37 4.11 13.93 7.13
#